data_8GJY
#
_entry.id   8GJY
#
_cell.length_a   165.160
_cell.length_b   41.319
_cell.length_c   58.649
_cell.angle_alpha   90.000
_cell.angle_beta   91.800
_cell.angle_gamma   90.000
#
_symmetry.space_group_name_H-M   'C 1 2 1'
#
loop_
_entity.id
_entity.type
_entity.pdbx_description
1 polymer 'cGAS-like receptor 1'
2 water water
#
_entity_poly.entity_id   1
_entity_poly.type   'polypeptide(L)'
_entity_poly.pdbx_seq_one_letter_code
;SSGKMNEWESLNTTLNRFTDNVVKFRRDSRTKALKCWRPIVDGIVDYVKRKDDRFHALSVFHKGSYYERSKVGEPDEFDL
MLVMDNLELYDEPFEEDDGLSEPPIGFTTVMIDQGEEKPWKRDECVNRRGMLNATRVKAVFKRLADEAIQDMKSKGHWRN
VTVKSGGTAVTLKISKDGREYSVDLTLGIKDNTWPEDAEEWKTRQRKGWPKRNLVHDIHEMGCHLVTKQPKGHSPIEQER
GFLWCYSFSEAEKKLFLQGEQGEVNSCRRQVLRILKALREELELQPLKSYHLKTLLLYECESQPSARQWSKDALSERFLD
LLKRLEKCLRSKECPHYFIKDLNLFEMLNPEKCDELADRVNKILKQPGQVLIRLIK
;
_entity_poly.pdbx_strand_id   A
#
# COMPACT_ATOMS: atom_id res chain seq x y z
N TRP A 8 -23.86 -30.34 -3.19
CA TRP A 8 -23.94 -29.08 -2.46
C TRP A 8 -22.84 -28.98 -1.40
N GLU A 9 -22.14 -27.86 -1.39
CA GLU A 9 -21.21 -27.53 -0.33
C GLU A 9 -21.45 -26.08 0.08
N SER A 10 -21.14 -25.78 1.34
CA SER A 10 -21.40 -24.44 1.85
C SER A 10 -20.50 -23.42 1.18
N LEU A 11 -20.93 -22.16 1.22
CA LEU A 11 -20.09 -21.08 0.73
C LEU A 11 -18.79 -20.98 1.53
N ASN A 12 -18.85 -21.25 2.84
CA ASN A 12 -17.63 -21.33 3.63
C ASN A 12 -16.66 -22.34 3.05
N THR A 13 -17.14 -23.53 2.69
CA THR A 13 -16.25 -24.54 2.15
C THR A 13 -15.66 -24.07 0.83
N THR A 14 -16.48 -23.48 -0.05
CA THR A 14 -15.94 -23.03 -1.33
C THR A 14 -14.93 -21.90 -1.15
N LEU A 15 -15.21 -20.96 -0.23
CA LEU A 15 -14.26 -19.89 0.03
C LEU A 15 -12.94 -20.46 0.55
N ASN A 16 -13.00 -21.48 1.40
CA ASN A 16 -11.77 -22.08 1.89
C ASN A 16 -11.02 -22.79 0.76
N ARG A 17 -11.74 -23.45 -0.16
CA ARG A 17 -11.06 -24.02 -1.32
C ARG A 17 -10.40 -22.94 -2.17
N PHE A 18 -11.04 -21.77 -2.28
CA PHE A 18 -10.43 -20.66 -3.00
C PHE A 18 -9.15 -20.20 -2.31
N THR A 19 -9.18 -20.07 -0.98
CA THR A 19 -7.98 -19.75 -0.23
C THR A 19 -6.88 -20.78 -0.49
N ASP A 20 -7.25 -22.07 -0.43
CA ASP A 20 -6.26 -23.14 -0.48
C ASP A 20 -5.64 -23.31 -1.86
N ASN A 21 -6.30 -22.84 -2.90
CA ASN A 21 -5.81 -23.00 -4.26
C ASN A 21 -5.40 -21.68 -4.89
N VAL A 22 -6.32 -20.73 -5.00
CA VAL A 22 -6.02 -19.48 -5.67
C VAL A 22 -5.18 -18.54 -4.80
N VAL A 23 -5.60 -18.31 -3.54
CA VAL A 23 -4.79 -17.45 -2.67
C VAL A 23 -3.42 -18.08 -2.42
N LYS A 24 -3.37 -19.41 -2.27
CA LYS A 24 -2.06 -20.06 -2.11
C LYS A 24 -1.16 -19.76 -3.30
N PHE A 25 -1.69 -19.84 -4.52
CA PHE A 25 -0.86 -19.53 -5.69
C PHE A 25 -0.39 -18.08 -5.66
N ARG A 26 -1.27 -17.16 -5.25
CA ARG A 26 -0.88 -15.75 -5.11
C ARG A 26 0.26 -15.61 -4.12
N ARG A 27 0.15 -16.26 -2.95
CA ARG A 27 1.20 -16.19 -1.95
C ARG A 27 2.50 -16.77 -2.48
N ASP A 28 2.43 -17.94 -3.13
CA ASP A 28 3.64 -18.54 -3.65
C ASP A 28 4.29 -17.65 -4.70
N SER A 29 3.47 -16.95 -5.50
CA SER A 29 4.02 -16.06 -6.51
C SER A 29 4.69 -14.85 -5.87
N ARG A 30 4.11 -14.35 -4.78
CA ARG A 30 4.72 -13.24 -4.06
C ARG A 30 6.07 -13.65 -3.47
N THR A 31 6.11 -14.83 -2.85
CA THR A 31 7.36 -15.32 -2.25
C THR A 31 8.45 -15.48 -3.30
N LYS A 32 8.11 -16.06 -4.45
CA LYS A 32 9.12 -16.26 -5.48
C LYS A 32 9.68 -14.93 -5.99
N ALA A 33 8.81 -13.93 -6.13
CA ALA A 33 9.25 -12.61 -6.54
C ALA A 33 10.16 -11.98 -5.50
N LEU A 34 9.76 -12.04 -4.23
CA LEU A 34 10.54 -11.41 -3.16
C LEU A 34 11.96 -11.97 -3.12
N LYS A 35 12.11 -13.28 -3.37
CA LYS A 35 13.45 -13.84 -3.39
C LYS A 35 14.28 -13.27 -4.53
N CYS A 36 13.63 -12.78 -5.59
CA CYS A 36 14.36 -12.14 -6.67
C CYS A 36 14.71 -10.69 -6.33
N TRP A 37 13.71 -9.88 -5.98
CA TRP A 37 14.02 -8.45 -5.91
C TRP A 37 14.57 -7.99 -4.57
N ARG A 38 14.35 -8.73 -3.48
CA ARG A 38 14.87 -8.29 -2.19
C ARG A 38 16.38 -8.06 -2.23
N PRO A 39 17.21 -8.97 -2.75
CA PRO A 39 18.66 -8.67 -2.80
C PRO A 39 19.00 -7.50 -3.68
N ILE A 40 18.20 -7.24 -4.71
CA ILE A 40 18.47 -6.10 -5.59
C ILE A 40 18.20 -4.79 -4.86
N VAL A 41 17.04 -4.68 -4.21
CA VAL A 41 16.75 -3.48 -3.43
C VAL A 41 17.75 -3.30 -2.30
N ASP A 42 18.09 -4.39 -1.60
CA ASP A 42 19.09 -4.29 -0.54
C ASP A 42 20.42 -3.79 -1.09
N GLY A 43 20.79 -4.26 -2.28
CA GLY A 43 22.05 -3.82 -2.88
C GLY A 43 22.02 -2.36 -3.29
N ILE A 44 20.87 -1.90 -3.78
CA ILE A 44 20.74 -0.49 -4.13
C ILE A 44 20.83 0.39 -2.88
N VAL A 45 20.09 0.01 -1.83
CA VAL A 45 20.15 0.77 -0.58
C VAL A 45 21.57 0.80 -0.04
N ASP A 46 22.26 -0.35 -0.06
CA ASP A 46 23.61 -0.40 0.47
C ASP A 46 24.55 0.54 -0.30
N TYR A 47 24.47 0.51 -1.63
CA TYR A 47 25.33 1.37 -2.44
C TYR A 47 25.02 2.84 -2.17
N VAL A 48 23.73 3.20 -2.16
CA VAL A 48 23.38 4.60 -2.04
C VAL A 48 23.79 5.15 -0.67
N LYS A 49 23.57 4.39 0.39
CA LYS A 49 23.93 4.91 1.72
C LYS A 49 25.45 4.99 1.91
N ARG A 50 26.23 4.15 1.20
CA ARG A 50 27.68 4.24 1.27
C ARG A 50 28.22 5.42 0.45
N LYS A 51 27.49 5.82 -0.59
CA LYS A 51 28.02 6.72 -1.60
C LYS A 51 27.50 8.14 -1.52
N ASP A 52 26.41 8.39 -0.79
CA ASP A 52 25.86 9.74 -0.77
C ASP A 52 25.45 10.09 0.66
N ASP A 53 26.01 11.18 1.19
CA ASP A 53 25.75 11.51 2.59
C ASP A 53 24.30 11.92 2.86
N ARG A 54 23.54 12.31 1.84
CA ARG A 54 22.13 12.60 2.08
C ARG A 54 21.35 11.35 2.45
N PHE A 55 21.86 10.17 2.08
CA PHE A 55 21.14 8.92 2.26
C PHE A 55 21.87 7.96 3.19
N HIS A 56 22.74 8.49 4.07
CA HIS A 56 23.55 7.62 4.91
C HIS A 56 22.71 6.78 5.88
N ALA A 57 21.46 7.18 6.17
CA ALA A 57 20.60 6.49 7.12
C ALA A 57 19.37 5.90 6.46
N LEU A 58 19.46 5.62 5.16
CA LEU A 58 18.36 5.01 4.41
C LEU A 58 18.17 3.55 4.84
N SER A 59 16.91 3.17 5.04
CA SER A 59 16.59 1.79 5.41
C SER A 59 15.32 1.36 4.69
N VAL A 60 15.17 0.05 4.52
CA VAL A 60 13.93 -0.52 3.99
C VAL A 60 12.92 -0.66 5.10
N PHE A 61 11.70 -0.14 4.89
CA PHE A 61 10.61 -0.32 5.83
C PHE A 61 9.77 -1.52 5.39
N HIS A 62 9.69 -2.54 6.23
CA HIS A 62 9.01 -3.79 5.88
C HIS A 62 7.51 -3.66 6.13
N LYS A 63 6.74 -3.56 5.06
CA LYS A 63 5.30 -3.34 5.10
C LYS A 63 4.54 -4.66 5.14
N GLY A 64 3.33 -4.61 5.71
CA GLY A 64 2.50 -5.80 5.77
C GLY A 64 1.87 -6.16 4.43
N SER A 65 1.61 -5.15 3.59
CA SER A 65 0.98 -5.36 2.30
C SER A 65 1.66 -4.45 1.28
N TYR A 66 2.15 -5.04 0.19
CA TYR A 66 2.97 -4.29 -0.76
C TYR A 66 2.95 -4.90 -2.15
N TYR A 67 2.18 -5.97 -2.35
CA TYR A 67 2.17 -6.77 -3.57
C TYR A 67 0.81 -6.65 -4.25
N GLU A 68 0.81 -6.29 -5.53
CA GLU A 68 -0.41 -6.22 -6.34
C GLU A 68 -0.12 -6.90 -7.67
N ARG A 69 -0.97 -7.82 -8.08
CA ARG A 69 -0.80 -8.35 -9.43
C ARG A 69 -1.58 -7.47 -10.41
N SER A 70 -1.09 -7.41 -11.63
CA SER A 70 -1.77 -6.68 -12.68
C SER A 70 -2.57 -7.64 -13.54
N LYS A 71 -3.00 -7.18 -14.71
CA LYS A 71 -3.69 -8.07 -15.63
C LYS A 71 -2.73 -9.17 -16.07
N VAL A 72 -3.31 -10.32 -16.43
CA VAL A 72 -2.50 -11.41 -16.93
C VAL A 72 -1.77 -10.93 -18.17
N GLY A 73 -0.45 -11.13 -18.20
CA GLY A 73 0.44 -10.64 -19.23
C GLY A 73 1.23 -9.40 -18.86
N GLU A 74 0.91 -8.77 -17.72
CA GLU A 74 1.54 -7.55 -17.22
C GLU A 74 2.42 -7.88 -16.00
N PRO A 75 3.40 -7.03 -15.71
CA PRO A 75 4.26 -7.28 -14.56
C PRO A 75 3.52 -7.18 -13.22
N ASP A 76 3.91 -8.05 -12.28
CA ASP A 76 3.49 -7.86 -10.89
C ASP A 76 4.09 -6.58 -10.34
N GLU A 77 3.38 -5.95 -9.40
CA GLU A 77 3.78 -4.66 -8.85
C GLU A 77 4.06 -4.76 -7.36
N PHE A 78 5.14 -4.14 -6.93
CA PHE A 78 5.51 -4.04 -5.53
C PHE A 78 5.71 -2.57 -5.21
N ASP A 79 5.24 -2.17 -4.05
CA ASP A 79 5.35 -0.79 -3.56
C ASP A 79 6.13 -0.84 -2.26
N LEU A 80 7.33 -0.25 -2.26
CA LEU A 80 8.23 -0.28 -1.11
CA LEU A 80 8.18 -0.28 -1.09
C LEU A 80 8.52 1.14 -0.64
N MET A 81 8.64 1.32 0.66
CA MET A 81 9.03 2.58 1.26
C MET A 81 10.44 2.44 1.82
N LEU A 82 11.32 3.36 1.45
CA LEU A 82 12.67 3.46 1.99
C LEU A 82 12.72 4.69 2.87
N VAL A 83 13.03 4.51 4.15
CA VAL A 83 12.92 5.59 5.13
C VAL A 83 14.28 6.21 5.38
N MET A 84 14.33 7.54 5.40
CA MET A 84 15.54 8.26 5.78
C MET A 84 15.48 8.43 7.29
N ASP A 85 16.14 7.52 8.03
CA ASP A 85 15.93 7.45 9.47
C ASP A 85 16.44 8.69 10.20
N ASN A 86 17.45 9.37 9.66
CA ASN A 86 18.00 10.53 10.33
C ASN A 86 17.08 11.75 10.26
N LEU A 87 16.06 11.74 9.40
CA LEU A 87 15.20 12.90 9.25
C LEU A 87 13.95 12.82 10.11
N GLU A 88 13.84 11.80 10.96
CA GLU A 88 12.65 11.59 11.77
C GLU A 88 12.21 12.88 12.45
N LEU A 89 10.91 13.16 12.38
CA LEU A 89 10.33 14.40 12.89
C LEU A 89 9.69 14.18 14.25
N TYR A 90 9.95 15.10 15.17
CA TYR A 90 9.42 15.05 16.53
C TYR A 90 8.52 16.24 16.83
N GLU A 102 -1.58 26.47 1.67
CA GLU A 102 -2.12 25.36 2.46
C GLU A 102 -2.27 24.12 1.60
N PRO A 103 -1.78 22.98 2.11
CA PRO A 103 -1.69 21.78 1.28
C PRO A 103 -3.04 21.12 1.10
N PRO A 104 -3.22 20.36 0.02
CA PRO A 104 -4.46 19.60 -0.15
C PRO A 104 -4.57 18.51 0.88
N ILE A 105 -5.81 18.04 1.09
CA ILE A 105 -6.04 17.00 2.08
C ILE A 105 -5.21 15.77 1.75
N GLY A 106 -4.59 15.19 2.77
CA GLY A 106 -3.71 14.05 2.57
C GLY A 106 -2.24 14.39 2.39
N PHE A 107 -1.89 15.68 2.34
CA PHE A 107 -0.53 16.09 2.01
C PHE A 107 -0.08 17.18 2.97
N THR A 108 1.25 17.32 3.08
CA THR A 108 1.84 18.35 3.92
C THR A 108 3.20 18.72 3.38
N THR A 109 3.73 19.85 3.85
CA THR A 109 5.11 20.19 3.61
C THR A 109 5.96 19.66 4.77
N VAL A 110 7.27 19.62 4.56
CA VAL A 110 8.21 19.07 5.52
C VAL A 110 9.34 20.07 5.74
N MET A 111 9.50 20.54 6.96
CA MET A 111 10.68 21.30 7.37
C MET A 111 11.57 20.38 8.18
N ILE A 112 12.79 20.15 7.71
CA ILE A 112 13.65 19.18 8.38
C ILE A 112 14.53 19.89 9.41
N ASP A 113 15.03 19.11 10.37
CA ASP A 113 15.88 19.64 11.43
C ASP A 113 17.10 20.34 10.85
N GLN A 114 17.40 21.54 11.38
CA GLN A 114 18.47 22.36 10.81
C GLN A 114 19.80 21.63 10.78
N GLY A 115 20.06 20.76 11.76
CA GLY A 115 21.28 19.96 11.75
C GLY A 115 21.37 18.99 10.60
N GLU A 116 20.25 18.68 9.95
CA GLU A 116 20.22 17.74 8.83
C GLU A 116 20.15 18.46 7.48
N GLU A 117 20.20 19.79 7.49
CA GLU A 117 19.96 20.58 6.29
C GLU A 117 21.10 20.47 5.30
N LYS A 118 22.35 20.61 5.78
CA LYS A 118 23.46 20.93 4.89
C LYS A 118 23.66 19.95 3.74
N PRO A 119 23.62 18.62 3.93
CA PRO A 119 23.82 17.73 2.77
C PRO A 119 22.78 17.94 1.69
N TRP A 120 21.55 18.32 2.06
CA TRP A 120 20.48 18.50 1.10
C TRP A 120 20.56 19.82 0.35
N LYS A 121 21.51 20.70 0.68
CA LYS A 121 21.72 21.86 -0.16
C LYS A 121 22.25 21.46 -1.53
N ARG A 122 22.93 20.31 -1.60
CA ARG A 122 23.39 19.79 -2.88
C ARG A 122 22.19 19.45 -3.75
N ASP A 123 22.21 19.93 -4.99
CA ASP A 123 21.11 19.82 -5.95
C ASP A 123 19.85 20.56 -5.46
N GLU A 124 20.01 21.49 -4.53
CA GLU A 124 18.93 22.36 -4.06
C GLU A 124 17.71 21.57 -3.61
N CYS A 125 17.96 20.51 -2.83
CA CYS A 125 16.84 19.69 -2.37
C CYS A 125 16.07 20.36 -1.26
N VAL A 126 16.73 21.21 -0.48
CA VAL A 126 16.09 21.95 0.60
C VAL A 126 16.20 23.44 0.29
N ASN A 127 15.18 24.20 0.67
CA ASN A 127 15.18 25.63 0.37
C ASN A 127 15.69 26.41 1.59
N ARG A 128 15.64 27.75 1.49
CA ARG A 128 16.19 28.61 2.52
C ARG A 128 15.47 28.47 3.86
N ARG A 129 14.23 28.02 3.85
CA ARG A 129 13.44 27.87 5.06
C ARG A 129 13.55 26.48 5.69
N GLY A 130 14.36 25.61 5.12
CA GLY A 130 14.43 24.24 5.57
C GLY A 130 13.37 23.32 5.00
N MET A 131 12.63 23.78 3.97
CA MET A 131 11.60 22.95 3.38
C MET A 131 12.21 21.98 2.39
N LEU A 132 11.98 20.69 2.59
CA LEU A 132 12.57 19.64 1.76
C LEU A 132 11.65 19.37 0.57
N ASN A 133 12.23 19.38 -0.63
CA ASN A 133 11.47 19.22 -1.87
C ASN A 133 11.41 17.75 -2.23
N ALA A 134 10.21 17.16 -2.13
CA ALA A 134 10.05 15.72 -2.39
C ALA A 134 10.42 15.38 -3.83
N THR A 135 10.05 16.23 -4.78
CA THR A 135 10.34 15.95 -6.17
C THR A 135 11.84 15.93 -6.43
N ARG A 136 12.58 16.88 -5.85
CA ARG A 136 14.02 16.91 -6.06
C ARG A 136 14.71 15.77 -5.33
N VAL A 137 14.27 15.46 -4.11
CA VAL A 137 14.81 14.31 -3.39
C VAL A 137 14.64 13.04 -4.20
N LYS A 138 13.47 12.87 -4.80
CA LYS A 138 13.20 11.67 -5.59
C LYS A 138 14.10 11.62 -6.83
N ALA A 139 14.30 12.76 -7.48
CA ALA A 139 15.14 12.79 -8.68
C ALA A 139 16.58 12.45 -8.34
N VAL A 140 17.08 12.95 -7.21
CA VAL A 140 18.44 12.62 -6.78
C VAL A 140 18.56 11.14 -6.48
N PHE A 141 17.60 10.60 -5.73
CA PHE A 141 17.64 9.18 -5.42
C PHE A 141 17.59 8.35 -6.70
N LYS A 142 16.78 8.77 -7.68
CA LYS A 142 16.67 8.00 -8.91
C LYS A 142 18.03 7.90 -9.61
N ARG A 143 18.77 9.02 -9.67
CA ARG A 143 20.10 9.02 -10.28
C ARG A 143 21.02 8.08 -9.53
N LEU A 144 20.94 8.09 -8.19
CA LEU A 144 21.84 7.26 -7.39
C LEU A 144 21.47 5.79 -7.52
N ALA A 145 20.16 5.48 -7.60
CA ALA A 145 19.74 4.10 -7.81
C ALA A 145 20.23 3.59 -9.15
N ASP A 146 20.14 4.44 -10.19
CA ASP A 146 20.69 4.06 -11.49
C ASP A 146 22.20 3.80 -11.39
N GLU A 147 22.91 4.65 -10.63
CA GLU A 147 24.35 4.46 -10.47
C GLU A 147 24.65 3.13 -9.76
N ALA A 148 23.84 2.78 -8.76
CA ALA A 148 24.02 1.50 -8.08
C ALA A 148 23.82 0.33 -9.04
N ILE A 149 22.80 0.42 -9.89
CA ILE A 149 22.53 -0.65 -10.85
C ILE A 149 23.66 -0.75 -11.86
N GLN A 150 24.13 0.40 -12.35
CA GLN A 150 25.24 0.36 -13.31
C GLN A 150 26.51 -0.20 -12.68
N ASP A 151 26.74 0.08 -11.39
CA ASP A 151 27.90 -0.51 -10.71
C ASP A 151 27.82 -2.04 -10.72
N MET A 152 26.63 -2.59 -10.45
CA MET A 152 26.49 -4.06 -10.50
C MET A 152 26.63 -4.58 -11.92
N LYS A 153 26.06 -3.88 -12.91
CA LYS A 153 26.22 -4.31 -14.29
C LYS A 153 27.69 -4.28 -14.72
N SER A 154 28.43 -3.24 -14.32
CA SER A 154 29.87 -3.20 -14.60
C SER A 154 30.59 -4.39 -13.97
N LYS A 155 30.12 -4.83 -12.80
CA LYS A 155 30.70 -5.99 -12.13
C LYS A 155 30.18 -7.30 -12.70
N GLY A 156 29.29 -7.27 -13.68
CA GLY A 156 28.84 -8.49 -14.32
C GLY A 156 27.56 -9.06 -13.76
N HIS A 157 26.76 -8.27 -13.05
CA HIS A 157 25.54 -8.69 -12.38
C HIS A 157 24.36 -7.88 -12.87
N TRP A 158 23.16 -8.32 -12.47
CA TRP A 158 21.93 -7.56 -12.64
C TRP A 158 21.69 -7.15 -14.10
N ARG A 159 21.97 -8.08 -15.01
CA ARG A 159 21.79 -7.78 -16.44
C ARG A 159 20.34 -7.44 -16.77
N ASN A 160 19.39 -7.99 -16.02
CA ASN A 160 17.96 -7.79 -16.30
C ASN A 160 17.28 -6.90 -15.27
N VAL A 161 17.99 -5.87 -14.80
CA VAL A 161 17.48 -4.83 -13.91
C VAL A 161 17.66 -3.48 -14.59
N THR A 162 16.60 -2.66 -14.60
CA THR A 162 16.68 -1.30 -15.10
C THR A 162 15.81 -0.38 -14.25
N VAL A 163 16.12 0.91 -14.33
CA VAL A 163 15.25 1.98 -13.83
C VAL A 163 14.37 2.46 -14.99
N LYS A 164 13.08 2.61 -14.72
CA LYS A 164 12.15 3.09 -15.74
C LYS A 164 12.38 4.58 -15.99
N SER A 165 12.66 4.94 -17.24
CA SER A 165 12.84 6.35 -17.59
C SER A 165 11.52 7.10 -17.54
N GLY A 166 11.60 8.37 -17.16
CA GLY A 166 10.41 9.22 -17.10
C GLY A 166 9.60 8.97 -15.85
N GLY A 167 8.33 9.35 -15.92
CA GLY A 167 7.38 9.12 -14.85
C GLY A 167 7.65 9.91 -13.58
N THR A 168 6.65 9.94 -12.68
CA THR A 168 6.80 10.62 -11.40
C THR A 168 7.33 9.71 -10.31
N ALA A 169 7.75 8.49 -10.64
CA ALA A 169 8.12 7.49 -9.65
C ALA A 169 9.47 6.88 -9.99
N VAL A 170 10.11 6.33 -8.96
CA VAL A 170 11.34 5.57 -9.10
C VAL A 170 10.95 4.10 -9.17
N THR A 171 11.00 3.51 -10.36
CA THR A 171 10.44 2.19 -10.59
C THR A 171 11.51 1.28 -11.18
N LEU A 172 11.79 0.17 -10.49
CA LEU A 172 12.68 -0.85 -11.03
C LEU A 172 11.90 -1.84 -11.87
N LYS A 173 12.45 -2.19 -13.03
CA LYS A 173 11.94 -3.25 -13.88
C LYS A 173 12.92 -4.42 -13.78
N ILE A 174 12.43 -5.57 -13.34
CA ILE A 174 13.28 -6.74 -13.13
C ILE A 174 12.66 -7.94 -13.86
N SER A 175 13.49 -8.72 -14.54
CA SER A 175 13.06 -9.95 -15.20
C SER A 175 13.88 -11.13 -14.67
N LYS A 176 13.20 -12.25 -14.37
CA LYS A 176 13.90 -13.45 -13.94
C LYS A 176 13.05 -14.67 -14.20
N ASP A 177 13.59 -15.62 -14.97
CA ASP A 177 12.96 -16.92 -15.21
C ASP A 177 11.55 -16.76 -15.80
N GLY A 178 11.40 -15.80 -16.71
CA GLY A 178 10.14 -15.52 -17.35
C GLY A 178 9.30 -14.46 -16.66
N ARG A 179 9.41 -14.32 -15.33
CA ARG A 179 8.61 -13.33 -14.62
C ARG A 179 9.11 -11.91 -14.88
N GLU A 180 8.18 -10.97 -14.90
CA GLU A 180 8.49 -9.54 -14.92
C GLU A 180 7.91 -8.88 -13.66
N TYR A 181 8.74 -8.05 -13.01
CA TYR A 181 8.40 -7.35 -11.79
C TYR A 181 8.63 -5.86 -11.97
N SER A 182 7.76 -5.07 -11.38
CA SER A 182 7.84 -3.61 -11.34
C SER A 182 7.83 -3.20 -9.88
N VAL A 183 8.95 -2.67 -9.39
CA VAL A 183 9.14 -2.38 -7.98
C VAL A 183 9.23 -0.88 -7.80
N ASP A 184 8.20 -0.27 -7.22
CA ASP A 184 8.22 1.15 -6.94
C ASP A 184 8.94 1.43 -5.63
N LEU A 185 9.86 2.38 -5.65
CA LEU A 185 10.60 2.80 -4.48
C LEU A 185 10.17 4.21 -4.12
N THR A 186 9.54 4.38 -2.98
CA THR A 186 9.16 5.68 -2.45
CA THR A 186 9.20 5.70 -2.49
C THR A 186 10.02 6.00 -1.24
N LEU A 187 10.42 7.25 -1.10
CA LEU A 187 11.20 7.69 0.05
C LEU A 187 10.26 8.20 1.14
N GLY A 188 10.62 7.91 2.39
CA GLY A 188 9.76 8.25 3.49
C GLY A 188 10.53 8.88 4.66
N ILE A 189 9.78 9.65 5.45
CA ILE A 189 10.27 10.24 6.69
C ILE A 189 9.28 9.91 7.78
N LYS A 190 9.77 9.39 8.90
CA LYS A 190 8.90 9.11 10.04
C LYS A 190 8.49 10.41 10.71
N ASP A 191 7.20 10.55 11.00
CA ASP A 191 6.66 11.73 11.67
C ASP A 191 5.92 11.28 12.92
N ASN A 192 6.44 11.65 14.10
CA ASN A 192 5.79 11.23 15.33
C ASN A 192 4.51 12.00 15.63
N THR A 193 4.14 12.97 14.80
CA THR A 193 2.92 13.75 15.00
C THR A 193 1.78 13.19 14.18
N TRP A 194 0.66 12.89 14.82
CA TRP A 194 -0.52 12.45 14.09
C TRP A 194 -1.12 13.62 13.33
N PRO A 195 -1.38 13.48 12.03
CA PRO A 195 -1.77 14.67 11.26
C PRO A 195 -3.18 15.12 11.55
N GLU A 196 -3.38 16.44 11.48
CA GLU A 196 -4.70 17.03 11.70
C GLU A 196 -5.74 16.46 10.74
N ASP A 197 -5.33 16.19 9.49
CA ASP A 197 -6.26 15.61 8.53
C ASP A 197 -6.87 14.32 9.05
N ALA A 198 -6.16 13.61 9.93
CA ALA A 198 -6.61 12.31 10.44
C ALA A 198 -7.09 12.40 11.89
N GLU A 199 -7.22 13.59 12.47
CA GLU A 199 -7.54 13.65 13.88
C GLU A 199 -8.90 13.04 14.21
N GLU A 200 -9.85 13.10 13.28
CA GLU A 200 -11.15 12.49 13.52
C GLU A 200 -11.02 10.99 13.79
N TRP A 201 -9.96 10.35 13.29
CA TRP A 201 -9.76 8.94 13.56
C TRP A 201 -9.64 8.67 15.05
N LYS A 202 -9.08 9.61 15.80
CA LYS A 202 -8.92 9.41 17.24
C LYS A 202 -10.26 9.48 17.96
N THR A 203 -11.13 10.40 17.55
CA THR A 203 -12.36 10.71 18.27
C THR A 203 -13.58 9.95 17.74
N ARG A 204 -13.43 9.24 16.62
CA ARG A 204 -14.52 8.54 15.96
C ARG A 204 -15.30 7.66 16.94
N GLN A 205 -16.63 7.73 16.86
CA GLN A 205 -17.45 6.85 17.66
C GLN A 205 -17.27 5.41 17.18
N ARG A 206 -16.96 4.51 18.11
CA ARG A 206 -16.70 3.11 17.81
C ARG A 206 -17.57 2.23 18.70
N LYS A 207 -17.42 0.91 18.51
CA LYS A 207 -18.18 -0.09 19.26
C LYS A 207 -17.27 -1.17 19.82
N GLY A 208 -16.01 -0.82 20.12
CA GLY A 208 -15.06 -1.75 20.71
C GLY A 208 -13.92 -2.18 19.82
N TRP A 209 -13.90 -1.79 18.54
CA TRP A 209 -12.80 -2.16 17.66
C TRP A 209 -12.34 -0.93 16.86
N PRO A 210 -11.04 -0.62 16.84
CA PRO A 210 -9.98 -1.22 17.66
C PRO A 210 -10.18 -0.87 19.13
N LYS A 211 -9.50 -1.60 20.02
CA LYS A 211 -9.50 -1.23 21.44
C LYS A 211 -9.06 0.22 21.61
N ARG A 212 -9.65 0.90 22.60
CA ARG A 212 -9.30 2.31 22.81
C ARG A 212 -7.81 2.50 23.06
N ASN A 213 -7.18 1.58 23.79
CA ASN A 213 -5.76 1.74 24.04
CA ASN A 213 -5.75 1.68 24.05
C ASN A 213 -4.94 1.58 22.76
N LEU A 214 -5.38 0.75 21.82
CA LEU A 214 -4.69 0.61 20.55
C LEU A 214 -4.88 1.87 19.70
N VAL A 215 -6.09 2.44 19.70
CA VAL A 215 -6.29 3.72 19.04
C VAL A 215 -5.33 4.76 19.60
N HIS A 216 -5.23 4.82 20.93
CA HIS A 216 -4.33 5.77 21.57
C HIS A 216 -2.88 5.53 21.14
N ASP A 217 -2.43 4.26 21.18
CA ASP A 217 -1.04 3.97 20.87
C ASP A 217 -0.71 4.32 19.43
N ILE A 218 -1.62 4.03 18.50
CA ILE A 218 -1.38 4.38 17.10
C ILE A 218 -1.32 5.89 16.93
N HIS A 219 -2.24 6.61 17.57
CA HIS A 219 -2.22 8.07 17.49
C HIS A 219 -0.90 8.63 17.97
N GLU A 220 -0.36 8.08 19.06
CA GLU A 220 0.89 8.57 19.61
C GLU A 220 2.07 8.21 18.72
N MET A 221 1.99 7.11 17.98
CA MET A 221 3.08 6.65 17.13
C MET A 221 3.25 7.56 15.92
N GLY A 222 2.17 8.14 15.39
CA GLY A 222 2.28 8.99 14.22
C GLY A 222 2.19 8.28 12.88
N CYS A 223 2.89 8.78 11.87
CA CYS A 223 2.76 8.25 10.52
C CYS A 223 4.10 8.40 9.81
N HIS A 224 4.09 8.18 8.51
CA HIS A 224 5.21 8.49 7.65
C HIS A 224 4.78 9.52 6.61
N LEU A 225 5.76 10.27 6.10
CA LEU A 225 5.57 11.22 5.01
C LEU A 225 6.35 10.71 3.81
N VAL A 226 5.70 10.57 2.66
CA VAL A 226 6.35 9.91 1.53
C VAL A 226 6.30 10.78 0.28
N THR A 227 7.24 10.47 -0.64
CA THR A 227 7.38 11.21 -1.89
C THR A 227 6.36 10.74 -2.93
N LYS A 228 5.10 11.00 -2.63
CA LYS A 228 4.03 10.80 -3.61
C LYS A 228 3.32 12.14 -3.80
N GLN A 229 2.92 12.43 -5.03
CA GLN A 229 2.31 13.71 -5.34
C GLN A 229 0.80 13.59 -5.48
N PRO A 230 0.05 14.68 -5.27
CA PRO A 230 -1.40 14.61 -5.41
C PRO A 230 -1.81 14.31 -6.84
N LYS A 231 -2.93 13.62 -6.97
CA LYS A 231 -3.49 13.27 -8.29
C LYS A 231 -4.40 14.34 -8.85
N GLY A 232 -4.85 15.28 -8.03
CA GLY A 232 -5.66 16.38 -8.50
C GLY A 232 -4.88 17.68 -8.54
N ARG A 240 4.38 22.54 -4.66
CA ARG A 240 3.89 21.31 -5.27
C ARG A 240 4.94 20.20 -5.12
N GLY A 241 6.15 20.44 -5.65
CA GLY A 241 7.27 19.58 -5.34
C GLY A 241 7.60 19.54 -3.86
N PHE A 242 7.12 20.52 -3.09
CA PHE A 242 7.33 20.54 -1.65
C PHE A 242 6.29 19.73 -0.88
N LEU A 243 5.31 19.14 -1.55
CA LEU A 243 4.31 18.33 -0.85
C LEU A 243 4.78 16.90 -0.65
N TRP A 244 4.51 16.38 0.55
CA TRP A 244 4.71 14.98 0.89
C TRP A 244 3.36 14.39 1.27
N CYS A 245 3.23 13.08 1.11
CA CYS A 245 1.96 12.38 1.30
C CYS A 245 1.94 11.63 2.62
N TYR A 246 0.84 11.72 3.36
CA TYR A 246 0.71 10.91 4.57
C TYR A 246 0.57 9.43 4.23
N SER A 247 1.38 8.60 4.89
CA SER A 247 1.29 7.15 4.80
C SER A 247 1.05 6.57 6.18
N PHE A 248 0.06 5.70 6.28
CA PHE A 248 -0.30 5.06 7.55
C PHE A 248 0.07 3.58 7.57
N SER A 249 1.09 3.19 6.78
CA SER A 249 1.46 1.77 6.68
C SER A 249 1.76 1.15 8.04
N GLU A 250 2.46 1.88 8.90
CA GLU A 250 2.81 1.32 10.20
C GLU A 250 1.57 1.11 11.06
N ALA A 251 0.65 2.09 11.08
CA ALA A 251 -0.60 1.93 11.79
C ALA A 251 -1.39 0.73 11.27
N GLU A 252 -1.45 0.57 9.94
CA GLU A 252 -2.25 -0.49 9.34
C GLU A 252 -1.71 -1.85 9.74
N LYS A 253 -0.39 -2.01 9.72
CA LYS A 253 0.23 -3.25 10.17
C LYS A 253 -0.19 -3.56 11.60
N LYS A 254 -0.18 -2.56 12.46
CA LYS A 254 -0.49 -2.76 13.86
C LYS A 254 -1.94 -3.22 14.06
N LEU A 255 -2.86 -2.81 13.19
CA LEU A 255 -4.27 -3.14 13.37
C LEU A 255 -4.57 -4.59 13.03
N PHE A 256 -3.87 -5.16 12.04
CA PHE A 256 -4.09 -6.56 11.70
C PHE A 256 -3.26 -7.50 12.55
N LEU A 257 -2.34 -6.97 13.37
CA LEU A 257 -1.58 -7.79 14.31
C LEU A 257 -2.42 -8.13 15.54
N ASN A 265 -9.42 -18.71 14.20
CA ASN A 265 -9.54 -17.65 15.19
C ASN A 265 -10.16 -16.40 14.59
N SER A 266 -9.43 -15.71 13.73
CA SER A 266 -9.92 -14.53 13.02
C SER A 266 -9.77 -14.72 11.52
N CYS A 267 -10.85 -14.47 10.78
CA CYS A 267 -10.81 -14.55 9.32
C CYS A 267 -10.67 -13.18 8.66
N ARG A 268 -10.28 -12.14 9.40
CA ARG A 268 -10.12 -10.82 8.81
C ARG A 268 -9.08 -10.84 7.69
N ARG A 269 -7.89 -11.37 7.98
CA ARG A 269 -6.85 -11.39 6.95
C ARG A 269 -7.23 -12.33 5.81
N GLN A 270 -7.86 -13.47 6.12
CA GLN A 270 -8.26 -14.41 5.08
C GLN A 270 -9.22 -13.77 4.09
N VAL A 271 -10.24 -13.09 4.61
N VAL A 271 -10.24 -13.09 4.61
N VAL A 271 -10.21 -13.03 4.58
CA VAL A 271 -11.20 -12.40 3.75
CA VAL A 271 -11.20 -12.40 3.75
CA VAL A 271 -11.16 -12.49 3.63
C VAL A 271 -10.49 -11.42 2.83
C VAL A 271 -10.49 -11.42 2.83
C VAL A 271 -10.56 -11.34 2.83
N LEU A 272 -9.60 -10.60 3.41
CA LEU A 272 -8.90 -9.59 2.61
C LEU A 272 -8.11 -10.24 1.48
N ARG A 273 -7.40 -11.34 1.77
CA ARG A 273 -6.64 -12.01 0.71
C ARG A 273 -7.57 -12.58 -0.36
N ILE A 274 -8.72 -13.11 0.04
CA ILE A 274 -9.69 -13.60 -0.95
C ILE A 274 -10.11 -12.46 -1.88
N LEU A 275 -10.44 -11.29 -1.30
CA LEU A 275 -10.87 -10.17 -2.13
C LEU A 275 -9.75 -9.68 -3.04
N LYS A 276 -8.51 -9.63 -2.53
CA LYS A 276 -7.39 -9.21 -3.37
C LYS A 276 -7.21 -10.16 -4.55
N ALA A 277 -7.29 -11.47 -4.28
CA ALA A 277 -7.16 -12.44 -5.38
C ALA A 277 -8.31 -12.29 -6.36
N LEU A 278 -9.55 -12.07 -5.86
CA LEU A 278 -10.67 -11.86 -6.77
C LEU A 278 -10.49 -10.62 -7.64
N ARG A 279 -10.02 -9.51 -7.03
CA ARG A 279 -9.75 -8.30 -7.80
C ARG A 279 -8.85 -8.60 -8.98
N GLU A 280 -7.84 -9.42 -8.75
CA GLU A 280 -6.87 -9.72 -9.80
C GLU A 280 -7.41 -10.74 -10.78
N GLU A 281 -8.05 -11.80 -10.29
CA GLU A 281 -8.56 -12.85 -11.17
C GLU A 281 -9.62 -12.31 -12.12
N LEU A 282 -10.48 -11.42 -11.64
CA LEU A 282 -11.57 -10.87 -12.43
C LEU A 282 -11.20 -9.54 -13.08
N GLU A 283 -9.96 -9.09 -12.90
CA GLU A 283 -9.42 -7.87 -13.51
C GLU A 283 -10.34 -6.67 -13.27
N LEU A 284 -10.52 -6.37 -11.98
CA LEU A 284 -11.39 -5.29 -11.53
C LEU A 284 -10.68 -3.94 -11.42
N GLN A 285 -9.57 -3.75 -12.14
CA GLN A 285 -8.97 -2.42 -12.25
C GLN A 285 -10.02 -1.42 -12.72
N PRO A 286 -10.00 -0.16 -12.26
CA PRO A 286 -9.00 0.51 -11.41
C PRO A 286 -9.16 0.34 -9.90
N LEU A 287 -10.00 -0.60 -9.45
CA LEU A 287 -9.98 -0.95 -8.04
C LEU A 287 -8.57 -1.40 -7.66
N LYS A 288 -8.14 -1.02 -6.46
CA LYS A 288 -6.81 -1.33 -5.95
C LYS A 288 -6.90 -2.15 -4.66
N SER A 289 -5.82 -2.89 -4.37
CA SER A 289 -5.68 -3.57 -3.09
C SER A 289 -5.99 -2.65 -1.92
N TYR A 290 -5.47 -1.42 -1.96
CA TYR A 290 -5.63 -0.54 -0.80
C TYR A 290 -7.09 -0.17 -0.59
N HIS A 291 -7.90 -0.11 -1.67
CA HIS A 291 -9.32 0.12 -1.50
C HIS A 291 -9.96 -0.99 -0.69
N LEU A 292 -9.58 -2.23 -1.00
CA LEU A 292 -10.15 -3.38 -0.28
C LEU A 292 -9.71 -3.40 1.17
N LYS A 293 -8.44 -3.08 1.45
CA LYS A 293 -7.99 -2.99 2.85
C LYS A 293 -8.77 -1.92 3.60
N THR A 294 -8.99 -0.77 2.96
CA THR A 294 -9.77 0.31 3.57
C THR A 294 -11.16 -0.17 3.94
N LEU A 295 -11.83 -0.84 3.01
CA LEU A 295 -13.17 -1.35 3.29
C LEU A 295 -13.16 -2.38 4.41
N LEU A 296 -12.12 -3.22 4.48
CA LEU A 296 -12.06 -4.19 5.57
C LEU A 296 -11.91 -3.50 6.93
N LEU A 297 -11.04 -2.49 7.01
CA LEU A 297 -10.87 -1.76 8.26
C LEU A 297 -12.18 -1.12 8.71
N TYR A 298 -12.93 -0.52 7.77
CA TYR A 298 -14.22 0.04 8.19
C TYR A 298 -15.18 -1.06 8.61
N GLU A 299 -15.16 -2.21 7.91
CA GLU A 299 -16.06 -3.29 8.32
C GLU A 299 -15.70 -3.83 9.70
N CYS A 300 -14.42 -3.81 10.05
CA CYS A 300 -14.02 -4.22 11.40
C CYS A 300 -14.51 -3.25 12.47
N GLU A 301 -14.61 -1.95 12.14
CA GLU A 301 -15.21 -1.03 13.12
C GLU A 301 -16.71 -1.26 13.25
N SER A 302 -17.38 -1.59 12.14
CA SER A 302 -18.82 -1.82 12.17
CA SER A 302 -18.82 -1.84 12.16
C SER A 302 -19.16 -3.14 12.85
N GLN A 303 -18.28 -4.14 12.75
CA GLN A 303 -18.50 -5.47 13.31
C GLN A 303 -17.33 -5.77 14.24
N PRO A 304 -17.40 -5.29 15.48
CA PRO A 304 -16.21 -5.28 16.35
C PRO A 304 -15.90 -6.58 17.06
N SER A 305 -16.81 -7.54 17.08
CA SER A 305 -16.69 -8.69 17.96
CA SER A 305 -16.70 -8.69 17.95
C SER A 305 -15.89 -9.82 17.31
N ALA A 306 -15.19 -10.57 18.15
CA ALA A 306 -14.45 -11.74 17.68
C ALA A 306 -15.38 -12.75 17.02
N ARG A 307 -16.59 -12.92 17.56
CA ARG A 307 -17.51 -13.88 16.96
C ARG A 307 -17.94 -13.47 15.56
N GLN A 308 -17.87 -12.18 15.22
CA GLN A 308 -18.21 -11.73 13.89
C GLN A 308 -17.12 -12.03 12.87
N TRP A 309 -15.94 -12.50 13.32
CA TRP A 309 -14.84 -12.81 12.42
C TRP A 309 -14.30 -14.21 12.70
N SER A 310 -15.14 -15.08 13.26
CA SER A 310 -14.80 -16.48 13.42
C SER A 310 -14.70 -17.18 12.07
N LYS A 311 -14.17 -18.40 12.08
CA LYS A 311 -14.15 -19.24 10.88
C LYS A 311 -15.54 -19.39 10.28
N ASP A 312 -16.54 -19.62 11.12
CA ASP A 312 -17.90 -19.84 10.63
C ASP A 312 -18.47 -18.59 9.98
N ALA A 313 -17.98 -17.41 10.36
CA ALA A 313 -18.51 -16.15 9.83
C ALA A 313 -17.88 -15.77 8.49
N LEU A 314 -16.94 -16.57 7.97
CA LEU A 314 -16.22 -16.19 6.76
C LEU A 314 -17.15 -15.79 5.63
N SER A 315 -18.14 -16.63 5.30
CA SER A 315 -18.96 -16.33 4.13
C SER A 315 -19.79 -15.08 4.33
N GLU A 316 -20.33 -14.85 5.53
CA GLU A 316 -21.12 -13.62 5.68
C GLU A 316 -20.25 -12.38 5.67
N ARG A 317 -19.02 -12.44 6.21
CA ARG A 317 -18.14 -11.28 6.11
C ARG A 317 -17.72 -11.01 4.67
N PHE A 318 -17.44 -12.06 3.90
CA PHE A 318 -17.17 -11.94 2.48
C PHE A 318 -18.31 -11.21 1.76
N LEU A 319 -19.56 -11.65 2.00
CA LEU A 319 -20.69 -11.00 1.35
C LEU A 319 -20.85 -9.55 1.84
N ASP A 320 -20.67 -9.32 3.15
CA ASP A 320 -20.77 -7.95 3.68
C ASP A 320 -19.77 -7.03 3.00
N LEU A 321 -18.54 -7.51 2.81
CA LEU A 321 -17.53 -6.68 2.15
C LEU A 321 -17.88 -6.42 0.69
N LEU A 322 -18.39 -7.43 -0.04
CA LEU A 322 -18.81 -7.17 -1.41
C LEU A 322 -19.93 -6.14 -1.48
N LYS A 323 -20.88 -6.21 -0.54
CA LYS A 323 -21.97 -5.24 -0.52
C LYS A 323 -21.45 -3.84 -0.24
N ARG A 324 -20.50 -3.71 0.70
CA ARG A 324 -19.91 -2.40 0.95
C ARG A 324 -19.18 -1.89 -0.28
N LEU A 325 -18.44 -2.78 -0.96
CA LEU A 325 -17.73 -2.39 -2.17
C LEU A 325 -18.70 -1.92 -3.26
N GLU A 326 -19.79 -2.67 -3.49
CA GLU A 326 -20.76 -2.25 -4.50
C GLU A 326 -21.34 -0.89 -4.17
N LYS A 327 -21.69 -0.65 -2.89
CA LYS A 327 -22.24 0.65 -2.52
C LYS A 327 -21.24 1.77 -2.77
N CYS A 328 -19.97 1.56 -2.42
CA CYS A 328 -18.97 2.59 -2.66
C CYS A 328 -18.78 2.86 -4.14
N LEU A 329 -18.81 1.81 -4.97
CA LEU A 329 -18.65 2.00 -6.41
C LEU A 329 -19.82 2.79 -7.00
N ARG A 330 -21.05 2.49 -6.57
CA ARG A 330 -22.20 3.18 -7.17
C ARG A 330 -22.28 4.64 -6.76
N SER A 331 -21.83 4.97 -5.54
CA SER A 331 -21.82 6.36 -5.09
C SER A 331 -20.52 7.08 -5.46
N LYS A 332 -19.53 6.34 -5.97
CA LYS A 332 -18.19 6.86 -6.23
C LYS A 332 -17.60 7.54 -4.99
N GLU A 333 -17.85 6.94 -3.83
CA GLU A 333 -17.36 7.44 -2.56
C GLU A 333 -16.73 6.28 -1.79
N CYS A 334 -15.43 6.36 -1.56
CA CYS A 334 -14.71 5.37 -0.75
C CYS A 334 -13.81 6.15 0.22
N PRO A 335 -14.33 6.52 1.38
CA PRO A 335 -13.50 7.32 2.29
C PRO A 335 -12.26 6.55 2.74
N HIS A 336 -11.14 7.27 2.81
CA HIS A 336 -9.94 6.75 3.45
C HIS A 336 -10.24 6.39 4.91
N TYR A 337 -9.58 5.35 5.43
CA TYR A 337 -9.90 4.87 6.77
C TYR A 337 -9.43 5.82 7.86
N PHE A 338 -8.28 6.48 7.67
CA PHE A 338 -7.77 7.40 8.69
C PHE A 338 -8.12 8.85 8.40
N ILE A 339 -8.20 9.22 7.12
CA ILE A 339 -8.58 10.58 6.71
C ILE A 339 -9.93 10.51 6.03
N LYS A 340 -11.02 10.64 6.82
CA LYS A 340 -12.33 10.28 6.26
C LYS A 340 -12.77 11.25 5.17
N ASP A 341 -12.21 12.44 5.10
CA ASP A 341 -12.62 13.42 4.11
C ASP A 341 -11.84 13.29 2.81
N LEU A 342 -10.95 12.30 2.70
CA LEU A 342 -10.27 11.97 1.45
C LEU A 342 -11.03 10.83 0.79
N ASN A 343 -11.53 11.07 -0.41
CA ASN A 343 -12.30 10.08 -1.17
C ASN A 343 -11.36 9.32 -2.11
N LEU A 344 -11.12 8.04 -1.81
CA LEU A 344 -10.21 7.25 -2.63
C LEU A 344 -10.75 6.97 -4.03
N PHE A 345 -12.05 7.20 -4.28
CA PHE A 345 -12.62 7.01 -5.60
C PHE A 345 -12.76 8.32 -6.38
N GLU A 346 -12.26 9.43 -5.84
CA GLU A 346 -12.56 10.75 -6.40
C GLU A 346 -12.16 10.85 -7.87
N MET A 347 -11.06 10.23 -8.26
CA MET A 347 -10.53 10.39 -9.61
C MET A 347 -10.87 9.23 -10.54
N LEU A 348 -11.67 8.28 -10.09
CA LEU A 348 -12.03 7.18 -10.96
C LEU A 348 -13.14 7.58 -11.93
N ASN A 349 -13.13 6.96 -13.09
CA ASN A 349 -14.18 7.17 -14.09
C ASN A 349 -15.51 6.66 -13.55
N PRO A 350 -16.54 7.50 -13.41
CA PRO A 350 -17.78 7.03 -12.78
C PRO A 350 -18.48 5.94 -13.57
N GLU A 351 -18.45 6.00 -14.91
CA GLU A 351 -19.03 4.94 -15.71
C GLU A 351 -18.32 3.61 -15.47
N LYS A 352 -16.99 3.64 -15.33
CA LYS A 352 -16.25 2.41 -15.02
C LYS A 352 -16.62 1.90 -13.63
N CYS A 353 -16.81 2.82 -12.67
CA CYS A 353 -17.28 2.40 -11.36
C CYS A 353 -18.64 1.70 -11.44
N ASP A 354 -19.56 2.22 -12.26
CA ASP A 354 -20.85 1.56 -12.45
C ASP A 354 -20.68 0.15 -13.02
N GLU A 355 -19.82 0.01 -14.05
CA GLU A 355 -19.55 -1.31 -14.61
C GLU A 355 -18.97 -2.25 -13.57
N LEU A 356 -18.04 -1.78 -12.74
CA LEU A 356 -17.49 -2.63 -11.70
C LEU A 356 -18.57 -3.01 -10.69
N ALA A 357 -19.45 -2.05 -10.34
CA ALA A 357 -20.50 -2.37 -9.39
C ALA A 357 -21.41 -3.47 -9.93
N ASP A 358 -21.73 -3.42 -11.22
CA ASP A 358 -22.53 -4.48 -11.82
C ASP A 358 -21.82 -5.83 -11.71
N ARG A 359 -20.51 -5.86 -11.96
CA ARG A 359 -19.76 -7.10 -11.81
C ARG A 359 -19.79 -7.61 -10.37
N VAL A 360 -19.64 -6.70 -9.41
CA VAL A 360 -19.66 -7.11 -8.01
C VAL A 360 -21.02 -7.69 -7.64
N ASN A 361 -22.10 -7.11 -8.17
CA ASN A 361 -23.41 -7.68 -7.89
C ASN A 361 -23.54 -9.08 -8.47
N LYS A 362 -22.93 -9.34 -9.63
CA LYS A 362 -22.98 -10.71 -10.16
C LYS A 362 -22.26 -11.69 -9.26
N ILE A 363 -21.13 -11.27 -8.65
CA ILE A 363 -20.44 -12.12 -7.69
C ILE A 363 -21.35 -12.39 -6.49
N LEU A 364 -22.00 -11.33 -5.99
CA LEU A 364 -22.90 -11.49 -4.85
C LEU A 364 -24.03 -12.46 -5.15
N LYS A 365 -24.55 -12.43 -6.38
CA LYS A 365 -25.69 -13.29 -6.71
C LYS A 365 -25.29 -14.76 -6.77
N GLN A 366 -24.11 -15.06 -7.29
CA GLN A 366 -23.67 -16.44 -7.51
C GLN A 366 -22.23 -16.60 -7.08
N PRO A 367 -21.91 -16.39 -5.80
CA PRO A 367 -20.49 -16.40 -5.41
C PRO A 367 -19.86 -17.76 -5.48
N GLY A 368 -20.57 -18.81 -5.09
CA GLY A 368 -20.00 -20.14 -5.19
C GLY A 368 -19.60 -20.49 -6.60
N GLN A 369 -20.47 -20.17 -7.57
CA GLN A 369 -20.15 -20.47 -8.97
C GLN A 369 -18.97 -19.65 -9.45
N VAL A 370 -18.88 -18.38 -9.05
CA VAL A 370 -17.71 -17.57 -9.43
C VAL A 370 -16.44 -18.20 -8.89
N LEU A 371 -16.45 -18.59 -7.61
CA LEU A 371 -15.25 -19.17 -7.00
C LEU A 371 -14.88 -20.49 -7.67
N ILE A 372 -15.87 -21.33 -7.96
CA ILE A 372 -15.61 -22.62 -8.60
C ILE A 372 -14.98 -22.42 -9.98
N ARG A 373 -15.45 -21.41 -10.73
CA ARG A 373 -14.86 -21.12 -12.04
C ARG A 373 -13.39 -20.76 -11.94
N LEU A 374 -13.00 -20.09 -10.86
CA LEU A 374 -11.61 -19.68 -10.70
C LEU A 374 -10.73 -20.78 -10.10
N ILE A 375 -11.30 -21.64 -9.24
CA ILE A 375 -10.54 -22.75 -8.67
C ILE A 375 -10.21 -23.80 -9.73
N LYS A 376 -11.15 -24.06 -10.64
CA LYS A 376 -11.05 -25.11 -11.63
C LYS A 376 -10.72 -26.47 -11.02
#